data_7ZTY
#
_entry.id   7ZTY
#
_cell.length_a   64.700
_cell.length_b   102.750
_cell.length_c   59.560
_cell.angle_alpha   90.00
_cell.angle_beta   90.00
_cell.angle_gamma   90.00
#
_symmetry.space_group_name_H-M   'P 21 21 2'
#
loop_
_entity.id
_entity.type
_entity.pdbx_description
1 polymer 'CNH domain-containing protein'
2 water water
#
_entity_poly.entity_id   1
_entity_poly.type   'polypeptide(L)'
_entity_poly.pdbx_seq_one_letter_code
;GS(MSE)LSAFTARPIIELKPRDKSRIECILAYGDRVLVGLNTGSLRVYRVNDLSPSPSPANPSDSQSPEASQSSVNPDP
SSSTQDPSSQPDSQPVVPQQKPTDLLREIERFSPRAIEQLAIIKEANTLVSLSNYCVSLHDLHTFEPIASPLPRTKNASG
FAVTSNIVKDPATGIPEIISRLAVSVKRRLLLWSWHESELEEEVKEVVLTESIRS(MSE)TWACATRLVCG(MSE)NSGF
VVVDVETGTVEDILGPPGGAAGGNQGRWGAVSAGG(MSE)GY(MSE)GLGGY(MSE)PKPLCTKLADGQLLLAKDVNTLF
IDDTGKALEKRQIPWQAAPDGIGYSYPYILALQPPAKGCLEVRNPDTLSLLQTLSLPGAAALHFPPPTVSLAHAGKGFHV
LSDRVVWK(MSE)DATDYDSQVEELVRGGKLDEAISVLT(MSE)LEDALLKNKTETLREVK(MSE)QKAEVLFRQKKYRE
S(MSE)DLFNEDEVNAPPERVLRLFPKSIAGELSGVEEEKQGQSQQSDSEQEGSSNGTATAD
;
_entity_poly.pdbx_strand_id   A
#
# COMPACT_ATOMS: atom_id res chain seq x y z
N LEU A 4 19.27 7.30 -10.92
CA LEU A 4 19.07 8.00 -9.66
C LEU A 4 19.00 6.99 -8.53
N SER A 5 19.57 7.35 -7.38
CA SER A 5 19.50 6.53 -6.17
C SER A 5 18.39 7.11 -5.29
N ALA A 6 17.15 6.76 -5.63
CA ALA A 6 16.01 7.29 -4.89
C ALA A 6 15.84 6.60 -3.55
N PHE A 7 16.05 5.28 -3.49
CA PHE A 7 15.92 4.52 -2.26
C PHE A 7 17.13 3.61 -2.09
N THR A 8 17.47 3.36 -0.83
CA THR A 8 18.52 2.41 -0.47
C THR A 8 17.88 1.20 0.20
N ALA A 9 18.28 0.01 -0.25
CA ALA A 9 17.71 -1.25 0.23
C ALA A 9 18.67 -1.90 1.21
N ARG A 10 18.19 -2.16 2.43
CA ARG A 10 18.94 -2.92 3.41
C ARG A 10 18.02 -3.96 4.03
N PRO A 11 18.47 -5.21 4.17
CA PRO A 11 17.61 -6.24 4.75
C PRO A 11 17.55 -6.09 6.27
N ILE A 12 16.34 -6.14 6.81
CA ILE A 12 16.14 -6.08 8.26
C ILE A 12 15.67 -7.40 8.85
N ILE A 13 15.07 -8.28 8.05
CA ILE A 13 14.61 -9.59 8.49
C ILE A 13 15.06 -10.61 7.46
N GLU A 14 15.67 -11.70 7.91
CA GLU A 14 16.14 -12.75 7.02
C GLU A 14 15.81 -14.10 7.65
N LEU A 15 15.04 -14.90 6.93
CA LEU A 15 14.88 -16.31 7.27
C LEU A 15 15.98 -17.11 6.60
N LYS A 16 16.22 -18.29 7.13
CA LYS A 16 17.31 -19.07 6.55
C LYS A 16 16.77 -20.00 5.47
N PRO A 17 17.60 -20.37 4.50
CA PRO A 17 17.10 -21.10 3.32
C PRO A 17 16.32 -22.37 3.64
N ARG A 18 16.76 -23.13 4.64
CA ARG A 18 16.13 -24.40 4.98
C ARG A 18 15.14 -24.29 6.13
N ASP A 19 14.96 -23.10 6.69
CA ASP A 19 13.91 -22.88 7.67
C ASP A 19 12.57 -23.27 7.07
N LYS A 20 11.82 -24.10 7.80
CA LYS A 20 10.54 -24.58 7.29
C LYS A 20 9.52 -23.45 7.13
N SER A 21 9.74 -22.31 7.76
CA SER A 21 8.77 -21.22 7.73
C SER A 21 9.04 -20.26 6.58
N ARG A 22 7.96 -19.74 5.99
CA ARG A 22 8.07 -18.75 4.94
C ARG A 22 7.24 -17.54 5.32
N ILE A 23 7.62 -16.38 4.80
CA ILE A 23 6.86 -15.16 5.03
C ILE A 23 5.71 -15.08 4.03
N GLU A 24 4.52 -14.72 4.51
CA GLU A 24 3.35 -14.48 3.68
C GLU A 24 2.95 -13.02 3.63
N CYS A 25 3.12 -12.29 4.73
CA CYS A 25 2.79 -10.87 4.79
C CYS A 25 3.45 -10.28 6.03
N ILE A 26 3.69 -8.97 5.97
CA ILE A 26 4.26 -8.24 7.11
C ILE A 26 3.40 -7.01 7.38
N LEU A 27 3.66 -6.39 8.53
CA LEU A 27 3.02 -5.13 8.89
C LEU A 27 3.99 -4.33 9.73
N ALA A 28 4.28 -3.11 9.31
CA ALA A 28 5.21 -2.23 9.99
C ALA A 28 4.45 -1.04 10.56
N TYR A 29 4.51 -0.87 11.88
CA TYR A 29 3.95 0.30 12.56
C TYR A 29 4.98 0.78 13.57
N GLY A 30 5.45 2.02 13.40
CA GLY A 30 6.43 2.60 14.29
C GLY A 30 7.69 1.77 14.46
N ASP A 31 8.00 1.40 15.70
CA ASP A 31 9.21 0.63 15.97
C ASP A 31 9.11 -0.82 15.51
N ARG A 32 7.90 -1.31 15.27
CA ARG A 32 7.64 -2.73 15.20
C ARG A 32 7.34 -3.19 13.78
N VAL A 33 7.70 -4.44 13.49
CA VAL A 33 7.34 -5.14 12.26
C VAL A 33 6.72 -6.48 12.64
N LEU A 34 5.51 -6.72 12.16
CA LEU A 34 4.77 -7.95 12.46
C LEU A 34 4.79 -8.84 11.24
N VAL A 35 5.34 -10.04 11.39
CA VAL A 35 5.55 -10.97 10.28
C VAL A 35 4.58 -12.14 10.44
N GLY A 36 3.72 -12.32 9.43
CA GLY A 36 2.85 -13.47 9.37
C GLY A 36 3.47 -14.55 8.49
N LEU A 37 3.46 -15.77 8.99
CA LEU A 37 4.12 -16.89 8.33
C LEU A 37 3.10 -17.86 7.74
N ASN A 38 3.61 -18.81 6.96
CA ASN A 38 2.77 -19.83 6.36
C ASN A 38 2.34 -20.90 7.34
N THR A 39 3.01 -20.99 8.49
CA THR A 39 2.68 -21.98 9.52
C THR A 39 1.63 -21.49 10.50
N GLY A 40 1.14 -20.26 10.34
CA GLY A 40 0.21 -19.68 11.27
C GLY A 40 0.82 -18.88 12.39
N SER A 41 2.14 -18.93 12.54
CA SER A 41 2.83 -18.19 13.58
C SER A 41 2.90 -16.71 13.23
N LEU A 42 3.07 -15.89 14.25
CA LEU A 42 3.14 -14.44 14.11
C LEU A 42 4.32 -13.93 14.93
N ARG A 43 5.35 -13.43 14.25
CA ARG A 43 6.53 -12.88 14.90
C ARG A 43 6.42 -11.37 15.01
N VAL A 44 6.98 -10.82 16.08
CA VAL A 44 7.03 -9.39 16.33
C VAL A 44 8.48 -8.97 16.44
N TYR A 45 8.88 -7.98 15.66
CA TYR A 45 10.26 -7.53 15.61
C TYR A 45 10.35 -6.06 16.00
N ARG A 46 11.42 -5.70 16.69
CA ARG A 46 11.72 -4.31 17.04
C ARG A 46 12.80 -3.81 16.09
N VAL A 47 12.54 -2.68 15.43
CA VAL A 47 13.46 -2.13 14.45
C VAL A 47 14.45 -1.22 15.17
N ASN A 48 15.71 -1.65 15.23
CA ASN A 48 16.75 -0.94 15.95
C ASN A 48 17.45 0.07 15.05
N ASP A 49 18.25 0.93 15.66
CA ASP A 49 19.11 1.87 14.94
C ASP A 49 20.25 2.34 15.85
N PRO A 98 19.92 -5.23 13.40
CA PRO A 98 18.90 -4.44 12.70
C PRO A 98 17.53 -4.59 13.35
N THR A 99 17.16 -5.83 13.65
CA THR A 99 15.88 -6.13 14.28
C THR A 99 16.10 -7.16 15.38
N ASP A 100 15.25 -7.10 16.40
CA ASP A 100 15.28 -8.03 17.52
C ASP A 100 13.93 -8.73 17.62
N LEU A 101 13.95 -10.06 17.72
CA LEU A 101 12.72 -10.83 17.84
C LEU A 101 12.22 -10.71 19.27
N LEU A 102 11.06 -10.06 19.45
CA LEU A 102 10.50 -9.83 20.77
C LEU A 102 9.57 -10.96 21.22
N ARG A 103 8.68 -11.40 20.33
CA ARG A 103 7.63 -12.35 20.72
C ARG A 103 7.17 -13.11 19.50
N GLU A 104 7.12 -14.43 19.61
CA GLU A 104 6.58 -15.30 18.58
C GLU A 104 5.29 -15.93 19.09
N ILE A 105 4.22 -15.78 18.33
CA ILE A 105 2.93 -16.34 18.69
C ILE A 105 2.67 -17.49 17.71
N GLU A 106 3.08 -18.68 18.12
CA GLU A 106 2.76 -19.88 17.38
C GLU A 106 1.31 -20.26 17.64
N ARG A 107 0.69 -20.84 16.61
CA ARG A 107 -0.74 -21.17 16.63
C ARG A 107 -1.60 -19.93 16.87
N PHE A 108 -1.13 -18.78 16.39
CA PHE A 108 -1.97 -17.58 16.35
C PHE A 108 -3.20 -17.81 15.49
N SER A 109 -3.02 -18.55 14.39
CA SER A 109 -4.10 -18.95 13.50
C SER A 109 -3.74 -20.34 13.01
N PRO A 110 -4.71 -21.26 12.98
CA PRO A 110 -4.40 -22.65 12.62
C PRO A 110 -3.90 -22.83 11.19
N ARG A 111 -3.87 -21.77 10.39
CA ARG A 111 -3.36 -21.85 9.03
C ARG A 111 -2.58 -20.58 8.72
N ALA A 112 -2.08 -20.48 7.49
CA ALA A 112 -1.20 -19.40 7.09
C ALA A 112 -1.89 -18.04 7.25
N ILE A 113 -1.10 -17.03 7.59
CA ILE A 113 -1.58 -15.66 7.74
C ILE A 113 -1.40 -14.96 6.40
N GLU A 114 -2.50 -14.63 5.73
CA GLU A 114 -2.39 -14.08 4.39
C GLU A 114 -2.18 -12.58 4.40
N GLN A 115 -2.86 -11.85 5.28
CA GLN A 115 -2.86 -10.41 5.23
C GLN A 115 -3.01 -9.84 6.64
N LEU A 116 -2.33 -8.72 6.88
CA LEU A 116 -2.34 -8.05 8.17
C LEU A 116 -2.60 -6.57 8.00
N ALA A 117 -3.38 -6.00 8.91
CA ALA A 117 -3.59 -4.57 9.02
C ALA A 117 -3.95 -4.25 10.46
N ILE A 118 -3.91 -2.96 10.79
CA ILE A 118 -4.31 -2.50 12.12
C ILE A 118 -5.08 -1.20 11.99
N ILE A 119 -5.95 -0.97 12.96
CA ILE A 119 -6.56 0.34 13.20
C ILE A 119 -6.09 0.80 14.57
N LYS A 120 -5.37 1.92 14.60
CA LYS A 120 -4.74 2.34 15.85
C LYS A 120 -5.73 2.92 16.84
N GLU A 121 -6.80 3.55 16.34
CA GLU A 121 -7.80 4.12 17.24
C GLU A 121 -8.42 3.03 18.11
N ALA A 122 -8.92 1.97 17.49
CA ALA A 122 -9.53 0.86 18.22
C ALA A 122 -8.51 -0.12 18.78
N ASN A 123 -7.21 0.11 18.53
CA ASN A 123 -6.15 -0.78 18.99
C ASN A 123 -6.40 -2.23 18.54
N THR A 124 -6.76 -2.38 17.27
CA THR A 124 -7.25 -3.64 16.73
C THR A 124 -6.37 -4.10 15.58
N LEU A 125 -6.06 -5.40 15.56
CA LEU A 125 -5.27 -6.02 14.52
C LEU A 125 -6.17 -6.88 13.65
N VAL A 126 -6.20 -6.59 12.35
CA VAL A 126 -7.02 -7.32 11.39
C VAL A 126 -6.16 -8.37 10.72
N SER A 127 -6.63 -9.63 10.72
CA SER A 127 -5.88 -10.73 10.14
C SER A 127 -6.77 -11.51 9.18
N LEU A 128 -6.18 -11.92 8.06
CA LEU A 128 -6.87 -12.71 7.04
C LEU A 128 -6.27 -14.11 7.03
N SER A 129 -6.99 -15.05 7.61
CA SER A 129 -6.50 -16.42 7.76
C SER A 129 -7.69 -17.38 7.87
N ASN A 130 -7.41 -18.66 7.62
CA ASN A 130 -8.45 -19.69 7.60
C ASN A 130 -9.59 -19.32 6.65
N TYR A 131 -9.24 -18.60 5.57
CA TYR A 131 -10.19 -17.90 4.72
C TYR A 131 -11.38 -17.33 5.48
N CYS A 132 -11.05 -16.37 6.33
CA CYS A 132 -11.99 -15.53 7.06
C CYS A 132 -11.19 -14.36 7.58
N VAL A 133 -11.86 -13.46 8.29
CA VAL A 133 -11.20 -12.30 8.85
C VAL A 133 -11.38 -12.30 10.36
N SER A 134 -10.32 -11.97 11.08
CA SER A 134 -10.33 -11.98 12.54
C SER A 134 -9.81 -10.65 13.08
N LEU A 135 -10.38 -10.24 14.21
CA LEU A 135 -9.99 -9.02 14.91
C LEU A 135 -9.37 -9.41 16.25
N HIS A 136 -8.10 -9.04 16.44
CA HIS A 136 -7.37 -9.34 17.66
C HIS A 136 -6.97 -8.06 18.36
N ASP A 137 -6.66 -8.18 19.65
CA ASP A 137 -6.06 -7.07 20.38
C ASP A 137 -4.63 -6.87 19.89
N LEU A 138 -4.27 -5.62 19.61
CA LEU A 138 -2.96 -5.36 19.00
C LEU A 138 -1.81 -5.67 19.95
N HIS A 139 -2.04 -5.66 21.27
CA HIS A 139 -0.96 -5.75 22.23
C HIS A 139 -0.93 -7.06 23.01
N THR A 140 -2.08 -7.67 23.30
CA THR A 140 -2.13 -8.99 23.90
C THR A 140 -2.39 -10.09 22.88
N PHE A 141 -2.88 -9.72 21.69
CA PHE A 141 -3.15 -10.66 20.60
C PHE A 141 -4.21 -11.69 20.96
N GLU A 142 -4.98 -11.43 22.00
CA GLU A 142 -6.16 -12.23 22.30
C GLU A 142 -7.29 -11.84 21.34
N PRO A 143 -8.08 -12.81 20.88
CA PRO A 143 -9.07 -12.51 19.84
C PRO A 143 -10.21 -11.64 20.37
N ILE A 144 -10.55 -10.61 19.61
CA ILE A 144 -11.75 -9.82 19.88
C ILE A 144 -12.96 -10.42 19.18
N ALA A 145 -12.80 -10.78 17.91
CA ALA A 145 -13.86 -11.43 17.14
C ALA A 145 -13.20 -12.27 16.06
N SER A 146 -13.08 -13.57 16.31
CA SER A 146 -12.46 -14.50 15.38
C SER A 146 -13.35 -15.72 15.24
N PRO A 147 -14.01 -15.93 14.09
CA PRO A 147 -13.92 -15.06 12.91
C PRO A 147 -14.89 -13.86 12.97
N LEU A 148 -14.62 -12.86 12.14
CA LEU A 148 -15.55 -11.76 12.00
C LEU A 148 -16.76 -12.25 11.23
N PRO A 149 -17.98 -11.91 11.64
CA PRO A 149 -19.18 -12.46 11.00
C PRO A 149 -19.22 -12.18 9.50
N ARG A 150 -19.69 -13.17 8.75
CA ARG A 150 -19.95 -13.09 7.31
C ARG A 150 -18.68 -12.94 6.47
N THR A 151 -17.50 -13.17 7.06
CA THR A 151 -16.24 -13.02 6.34
C THR A 151 -15.71 -14.35 5.81
N LYS A 152 -16.57 -15.36 5.68
CA LYS A 152 -16.12 -16.71 5.32
C LYS A 152 -15.84 -16.80 3.83
N ASN A 153 -14.65 -17.32 3.49
CA ASN A 153 -14.14 -17.38 2.12
C ASN A 153 -13.81 -15.99 1.59
N ALA A 154 -13.21 -15.15 2.43
CA ALA A 154 -12.84 -13.80 2.04
C ALA A 154 -11.54 -13.81 1.24
N SER A 155 -11.51 -12.99 0.18
CA SER A 155 -10.31 -12.90 -0.65
C SER A 155 -9.29 -11.92 -0.09
N GLY A 156 -9.75 -10.83 0.53
CA GLY A 156 -8.84 -9.86 1.09
C GLY A 156 -9.61 -8.75 1.75
N PHE A 157 -8.87 -7.74 2.22
CA PHE A 157 -9.50 -6.58 2.84
C PHE A 157 -8.64 -5.34 2.60
N ALA A 158 -9.25 -4.18 2.83
CA ALA A 158 -8.58 -2.89 2.73
C ALA A 158 -9.06 -2.00 3.86
N VAL A 159 -8.12 -1.27 4.47
CA VAL A 159 -8.38 -0.47 5.66
C VAL A 159 -7.98 0.98 5.38
N THR A 160 -8.78 1.91 5.90
CA THR A 160 -8.44 3.33 5.87
C THR A 160 -9.00 3.98 7.13
N SER A 161 -8.46 5.14 7.45
CA SER A 161 -8.89 5.90 8.63
C SER A 161 -8.58 7.37 8.37
N ASN A 162 -9.59 8.23 8.43
CA ASN A 162 -9.44 9.62 8.05
C ASN A 162 -10.20 10.52 9.02
N ILE A 163 -9.88 11.81 8.95
CA ILE A 163 -10.53 12.83 9.75
C ILE A 163 -11.68 13.42 8.93
N VAL A 164 -12.90 13.28 9.44
CA VAL A 164 -14.09 13.79 8.77
C VAL A 164 -14.87 14.65 9.76
N LYS A 165 -15.53 15.69 9.23
CA LYS A 165 -16.31 16.60 10.04
C LYS A 165 -17.77 16.19 10.07
N ASP A 166 -18.35 16.22 11.26
CA ASP A 166 -19.78 15.94 11.42
C ASP A 166 -20.59 17.02 10.72
N PRO A 167 -21.50 16.66 9.79
CA PRO A 167 -22.28 17.70 9.09
C PRO A 167 -23.04 18.64 10.01
N ALA A 168 -23.55 18.15 11.14
CA ALA A 168 -24.39 18.98 11.99
C ALA A 168 -23.57 19.92 12.87
N THR A 169 -22.54 19.39 13.54
CA THR A 169 -21.77 20.17 14.50
C THR A 169 -20.45 20.68 13.95
N GLY A 170 -19.92 20.08 12.89
CA GLY A 170 -18.66 20.52 12.32
C GLY A 170 -17.46 20.27 13.21
N ILE A 171 -17.39 19.11 13.84
CA ILE A 171 -16.31 18.75 14.75
C ILE A 171 -15.50 17.64 14.11
N PRO A 172 -14.17 17.74 14.07
CA PRO A 172 -13.36 16.67 13.45
C PRO A 172 -13.49 15.38 14.23
N GLU A 173 -13.86 14.31 13.53
CA GLU A 173 -13.98 12.98 14.10
C GLU A 173 -13.19 11.99 13.27
N ILE A 174 -12.56 11.04 13.94
CA ILE A 174 -11.77 10.00 13.27
C ILE A 174 -12.71 8.86 12.89
N ILE A 175 -12.83 8.59 11.59
CA ILE A 175 -13.68 7.53 11.08
C ILE A 175 -12.79 6.47 10.43
N SER A 176 -13.08 5.21 10.73
CA SER A 176 -12.28 4.09 10.25
C SER A 176 -13.15 3.19 9.37
N ARG A 177 -12.56 2.66 8.31
CA ARG A 177 -13.27 1.82 7.35
C ARG A 177 -12.47 0.55 7.11
N LEU A 178 -13.13 -0.59 7.27
CA LEU A 178 -12.57 -1.90 6.91
C LEU A 178 -13.50 -2.55 5.91
N ALA A 179 -12.96 -2.90 4.74
CA ALA A 179 -13.76 -3.42 3.64
C ALA A 179 -13.20 -4.78 3.22
N VAL A 180 -14.04 -5.80 3.28
CA VAL A 180 -13.64 -7.18 3.04
C VAL A 180 -14.32 -7.69 1.78
N SER A 181 -13.57 -8.40 0.94
CA SER A 181 -14.08 -8.95 -0.31
C SER A 181 -14.41 -10.43 -0.11
N VAL A 182 -15.69 -10.77 -0.24
CA VAL A 182 -16.17 -12.14 -0.11
C VAL A 182 -16.92 -12.48 -1.39
N LYS A 183 -16.27 -13.20 -2.30
CA LYS A 183 -16.81 -13.53 -3.62
C LYS A 183 -17.10 -12.21 -4.33
N ARG A 184 -18.31 -11.98 -4.83
CA ARG A 184 -18.69 -10.72 -5.46
C ARG A 184 -19.28 -9.73 -4.46
N ARG A 185 -19.10 -9.96 -3.16
CA ARG A 185 -19.68 -9.12 -2.13
C ARG A 185 -18.61 -8.28 -1.45
N LEU A 186 -19.00 -7.08 -1.05
CA LEU A 186 -18.12 -6.11 -0.38
C LEU A 186 -18.75 -5.75 0.95
N LEU A 187 -18.10 -6.15 2.04
CA LEU A 187 -18.59 -5.91 3.39
C LEU A 187 -17.82 -4.77 4.04
N LEU A 188 -18.55 -3.86 4.69
CA LEU A 188 -17.99 -2.61 5.18
C LEU A 188 -18.25 -2.47 6.68
N TRP A 189 -17.19 -2.46 7.48
CA TRP A 189 -17.26 -2.11 8.89
C TRP A 189 -16.69 -0.71 9.09
N SER A 190 -17.20 -0.01 10.10
CA SER A 190 -16.73 1.34 10.38
C SER A 190 -16.61 1.56 11.87
N TRP A 191 -15.57 2.28 12.27
CA TRP A 191 -15.34 2.69 13.66
C TRP A 191 -15.56 4.19 13.77
N HIS A 192 -16.39 4.59 14.73
CA HIS A 192 -16.63 6.01 15.03
C HIS A 192 -15.99 6.29 16.40
N GLU A 193 -14.89 7.04 16.39
CA GLU A 193 -14.12 7.32 17.59
C GLU A 193 -13.65 6.02 18.25
N SER A 194 -13.10 5.13 17.43
CA SER A 194 -12.61 3.81 17.82
C SER A 194 -13.71 2.88 18.30
N GLU A 195 -14.97 3.23 18.08
CA GLU A 195 -16.10 2.39 18.48
C GLU A 195 -16.72 1.77 17.24
N LEU A 196 -16.65 0.45 17.15
CA LEU A 196 -17.20 -0.27 16.00
C LEU A 196 -18.71 -0.10 15.92
N GLU A 197 -19.19 0.33 14.77
CA GLU A 197 -20.63 0.49 14.58
C GLU A 197 -21.31 -0.86 14.47
N GLU A 198 -22.51 -0.97 15.06
CA GLU A 198 -23.25 -2.22 15.11
C GLU A 198 -23.78 -2.67 13.76
N GLU A 199 -23.76 -1.81 12.74
CA GLU A 199 -24.33 -2.13 11.44
C GLU A 199 -23.22 -2.29 10.40
N VAL A 200 -23.33 -3.34 9.59
CA VAL A 200 -22.36 -3.65 8.55
C VAL A 200 -23.01 -3.37 7.20
N LYS A 201 -22.36 -2.56 6.38
CA LYS A 201 -22.84 -2.25 5.05
C LYS A 201 -22.32 -3.28 4.05
N GLU A 202 -23.18 -3.66 3.10
CA GLU A 202 -22.86 -4.68 2.12
C GLU A 202 -23.24 -4.18 0.73
N VAL A 203 -22.33 -4.34 -0.22
CA VAL A 203 -22.56 -3.99 -1.62
C VAL A 203 -22.27 -5.23 -2.46
N VAL A 204 -23.23 -5.60 -3.31
CA VAL A 204 -23.10 -6.78 -4.16
C VAL A 204 -22.74 -6.34 -5.57
N LEU A 205 -21.66 -6.90 -6.11
CA LEU A 205 -21.16 -6.54 -7.43
C LEU A 205 -21.55 -7.62 -8.45
N THR A 206 -21.10 -7.41 -9.69
CA THR A 206 -21.41 -8.33 -10.77
C THR A 206 -20.31 -9.37 -11.01
N GLU A 207 -19.11 -9.15 -10.47
CA GLU A 207 -18.01 -10.09 -10.60
C GLU A 207 -17.21 -10.12 -9.32
N SER A 208 -16.37 -11.15 -9.18
CA SER A 208 -15.56 -11.29 -7.98
C SER A 208 -14.53 -10.18 -7.88
N ILE A 209 -14.31 -9.71 -6.66
CA ILE A 209 -13.35 -8.64 -6.40
C ILE A 209 -11.96 -9.24 -6.28
N ARG A 210 -11.00 -8.65 -7.00
CA ARG A 210 -9.62 -9.11 -6.97
C ARG A 210 -8.65 -8.12 -6.36
N SER A 211 -8.98 -6.83 -6.33
CA SER A 211 -8.15 -5.84 -5.69
C SER A 211 -9.04 -4.75 -5.11
N THR A 213 -8.63 -0.77 -3.27
CA THR A 213 -7.76 0.36 -2.94
C THR A 213 -8.63 1.57 -2.61
N TRP A 214 -8.45 2.12 -1.41
CA TRP A 214 -9.23 3.27 -0.98
C TRP A 214 -8.80 4.52 -1.73
N ALA A 215 -9.72 5.10 -2.50
CA ALA A 215 -9.44 6.36 -3.18
C ALA A 215 -9.44 7.52 -2.21
N CYS A 216 -10.42 7.59 -1.32
CA CYS A 216 -10.49 8.62 -0.30
C CYS A 216 -11.20 8.04 0.92
N ALA A 217 -11.80 8.90 1.73
CA ALA A 217 -12.46 8.45 2.94
C ALA A 217 -13.80 7.80 2.67
N THR A 218 -14.40 8.04 1.49
CA THR A 218 -15.74 7.55 1.20
C THR A 218 -15.85 6.75 -0.10
N ARG A 219 -14.78 6.66 -0.89
CA ARG A 219 -14.85 5.96 -2.16
C ARG A 219 -13.72 4.94 -2.27
N LEU A 220 -14.05 3.77 -2.80
CA LEU A 220 -13.16 2.62 -2.85
C LEU A 220 -13.11 2.10 -4.28
N VAL A 221 -11.90 1.96 -4.82
CA VAL A 221 -11.71 1.43 -6.16
C VAL A 221 -11.58 -0.09 -6.06
N CYS A 222 -12.48 -0.81 -6.74
CA CYS A 222 -12.50 -2.26 -6.73
C CYS A 222 -12.12 -2.80 -8.11
N GLY A 223 -11.25 -3.80 -8.13
CA GLY A 223 -10.78 -4.35 -9.39
C GLY A 223 -11.14 -5.79 -9.63
N ASN A 225 -11.99 -8.91 -13.02
CA ASN A 225 -11.42 -9.33 -14.30
C ASN A 225 -11.81 -8.37 -15.42
N SER A 226 -13.09 -7.98 -15.49
CA SER A 226 -13.56 -7.18 -16.61
C SER A 226 -13.05 -5.75 -16.55
N GLY A 227 -12.87 -5.21 -15.35
CA GLY A 227 -12.37 -3.85 -15.21
C GLY A 227 -12.44 -3.38 -13.78
N PHE A 228 -12.47 -2.06 -13.63
CA PHE A 228 -12.48 -1.39 -12.33
C PHE A 228 -13.80 -0.66 -12.13
N VAL A 229 -14.19 -0.51 -10.86
CA VAL A 229 -15.38 0.23 -10.48
C VAL A 229 -15.07 1.08 -9.25
N VAL A 230 -15.87 2.13 -9.09
CA VAL A 230 -15.80 3.00 -7.92
C VAL A 230 -17.03 2.76 -7.07
N VAL A 231 -16.82 2.52 -5.77
CA VAL A 231 -17.91 2.27 -4.83
C VAL A 231 -17.94 3.40 -3.81
N ASP A 232 -19.10 4.02 -3.64
CA ASP A 232 -19.32 5.00 -2.58
C ASP A 232 -19.84 4.24 -1.36
N VAL A 233 -18.97 4.07 -0.35
CA VAL A 233 -19.34 3.28 0.81
C VAL A 233 -20.46 3.93 1.61
N GLU A 234 -20.63 5.24 1.50
CA GLU A 234 -21.71 5.90 2.23
C GLU A 234 -23.07 5.68 1.57
N THR A 235 -23.14 5.79 0.25
CA THR A 235 -24.40 5.68 -0.48
C THR A 235 -24.58 4.35 -1.20
N GLY A 236 -23.57 3.48 -1.20
CA GLY A 236 -23.68 2.20 -1.86
C GLY A 236 -23.87 2.26 -3.36
N THR A 237 -23.35 3.30 -4.02
CA THR A 237 -23.53 3.45 -5.46
C THR A 237 -22.26 3.03 -6.19
N VAL A 238 -22.44 2.31 -7.29
CA VAL A 238 -21.34 1.75 -8.07
C VAL A 238 -21.25 2.49 -9.40
N GLU A 239 -20.03 2.79 -9.83
CA GLU A 239 -19.78 3.43 -11.12
C GLU A 239 -18.71 2.65 -11.86
N ASP A 240 -18.92 2.45 -13.16
CA ASP A 240 -17.93 1.84 -14.02
C ASP A 240 -16.85 2.84 -14.38
N ILE A 241 -15.62 2.36 -14.48
CA ILE A 241 -14.47 3.20 -14.83
C ILE A 241 -14.17 3.02 -16.30
N LEU A 242 -14.22 4.11 -17.06
CA LEU A 242 -13.95 4.09 -18.48
C LEU A 242 -12.87 5.13 -18.80
N GLY A 243 -12.17 4.89 -19.91
CA GLY A 243 -11.11 5.79 -20.34
C GLY A 243 -11.47 6.58 -21.59
N PRO A 274 -3.88 -12.14 -15.26
CA PRO A 274 -3.41 -10.80 -14.90
C PRO A 274 -4.23 -10.19 -13.77
N LYS A 275 -3.53 -9.71 -12.74
CA LYS A 275 -4.22 -9.14 -11.58
C LYS A 275 -4.51 -7.66 -11.81
N PRO A 276 -5.69 -7.17 -11.40
CA PRO A 276 -5.99 -5.73 -11.48
C PRO A 276 -5.26 -4.98 -10.38
N LEU A 277 -4.40 -4.05 -10.76
CA LEU A 277 -3.58 -3.32 -9.82
C LEU A 277 -4.05 -1.87 -9.73
N CYS A 278 -4.04 -1.33 -8.51
CA CYS A 278 -4.42 0.05 -8.27
C CYS A 278 -3.67 0.57 -7.05
N THR A 279 -3.16 1.80 -7.16
CA THR A 279 -2.46 2.45 -6.07
C THR A 279 -2.83 3.93 -6.06
N LYS A 280 -2.75 4.54 -4.88
CA LYS A 280 -3.11 5.94 -4.71
C LYS A 280 -1.88 6.82 -4.87
N LEU A 281 -2.00 7.86 -5.69
CA LEU A 281 -0.94 8.83 -5.90
C LEU A 281 -1.18 10.05 -5.00
N ALA A 282 -0.48 11.13 -5.30
CA ALA A 282 -0.67 12.38 -4.58
C ALA A 282 -1.80 13.19 -5.19
N ASP A 283 -2.35 14.10 -4.38
CA ASP A 283 -3.40 15.03 -4.81
C ASP A 283 -4.65 14.28 -5.30
N GLY A 284 -5.01 13.23 -4.58
CA GLY A 284 -6.21 12.48 -4.91
C GLY A 284 -6.19 11.79 -6.26
N GLN A 285 -5.02 11.34 -6.71
CA GLN A 285 -4.89 10.62 -7.97
C GLN A 285 -4.65 9.14 -7.71
N LEU A 286 -5.06 8.31 -8.66
CA LEU A 286 -4.88 6.87 -8.56
C LEU A 286 -4.38 6.33 -9.89
N LEU A 287 -3.60 5.26 -9.82
CA LEU A 287 -3.02 4.61 -10.98
C LEU A 287 -3.57 3.19 -11.08
N LEU A 288 -4.19 2.88 -12.23
CA LEU A 288 -4.77 1.57 -12.49
C LEU A 288 -3.91 0.84 -13.51
N ALA A 289 -3.72 -0.47 -13.30
CA ALA A 289 -2.86 -1.26 -14.17
C ALA A 289 -3.45 -2.66 -14.33
N LYS A 290 -3.67 -3.07 -15.56
CA LYS A 290 -4.10 -4.43 -15.90
C LYS A 290 -3.23 -4.91 -17.04
N ASP A 291 -2.55 -6.04 -16.82
CA ASP A 291 -1.49 -6.47 -17.72
C ASP A 291 -0.48 -5.34 -17.89
N VAL A 292 -0.21 -4.94 -19.14
CA VAL A 292 0.70 -3.82 -19.40
C VAL A 292 -0.04 -2.51 -19.63
N ASN A 293 -1.37 -2.51 -19.59
CA ASN A 293 -2.14 -1.29 -19.81
C ASN A 293 -2.31 -0.53 -18.50
N THR A 294 -2.26 0.79 -18.58
CA THR A 294 -2.35 1.65 -17.41
C THR A 294 -3.30 2.80 -17.67
N LEU A 295 -3.84 3.35 -16.57
CA LEU A 295 -4.76 4.47 -16.63
C LEU A 295 -4.58 5.31 -15.39
N PHE A 296 -4.77 6.62 -15.53
CA PHE A 296 -4.70 7.57 -14.43
C PHE A 296 -6.08 8.16 -14.18
N ILE A 297 -6.52 8.14 -12.93
CA ILE A 297 -7.83 8.65 -12.54
C ILE A 297 -7.65 9.53 -11.30
N ASP A 298 -8.75 10.19 -10.91
CA ASP A 298 -8.80 11.00 -9.71
C ASP A 298 -9.62 10.28 -8.64
N ASP A 299 -9.83 10.96 -7.51
CA ASP A 299 -10.55 10.34 -6.39
C ASP A 299 -12.00 10.05 -6.72
N THR A 300 -12.57 10.73 -7.71
CA THR A 300 -13.94 10.45 -8.15
C THR A 300 -14.02 9.35 -9.19
N GLY A 301 -12.88 8.93 -9.76
CA GLY A 301 -12.88 7.86 -10.74
C GLY A 301 -13.05 8.29 -12.17
N LYS A 302 -12.70 9.53 -12.51
CA LYS A 302 -12.78 10.03 -13.86
C LYS A 302 -11.39 9.98 -14.51
N ALA A 303 -11.35 9.53 -15.75
CA ALA A 303 -10.08 9.29 -16.43
C ALA A 303 -9.29 10.58 -16.64
N LEU A 304 -7.98 10.45 -16.67
CA LEU A 304 -7.06 11.56 -16.91
C LEU A 304 -6.35 11.37 -18.24
N GLU A 305 -6.10 12.48 -18.93
CA GLU A 305 -5.38 12.46 -20.21
C GLU A 305 -3.89 12.31 -19.91
N LYS A 306 -3.44 11.06 -19.82
CA LYS A 306 -2.04 10.76 -19.58
C LYS A 306 -1.61 9.58 -20.44
N ARG A 307 -0.31 9.55 -20.75
CA ARG A 307 0.27 8.43 -21.46
C ARG A 307 0.27 7.17 -20.60
N GLN A 308 0.29 6.02 -21.26
CA GLN A 308 0.49 4.77 -20.55
C GLN A 308 1.95 4.64 -20.11
N ILE A 309 2.15 4.11 -18.92
CA ILE A 309 3.50 3.91 -18.38
C ILE A 309 4.23 2.90 -19.27
N PRO A 310 5.36 3.25 -19.85
CA PRO A 310 6.08 2.34 -20.76
C PRO A 310 7.09 1.42 -20.07
N TRP A 311 6.57 0.41 -19.38
CA TRP A 311 7.41 -0.66 -18.84
C TRP A 311 7.28 -1.90 -19.71
N GLN A 312 8.39 -2.62 -19.86
CA GLN A 312 8.43 -3.74 -20.80
C GLN A 312 7.46 -4.84 -20.41
N ALA A 313 7.49 -5.27 -19.16
CA ALA A 313 6.65 -6.35 -18.68
C ALA A 313 5.64 -5.83 -17.66
N ALA A 314 4.54 -6.57 -17.53
CA ALA A 314 3.52 -6.19 -16.56
C ALA A 314 4.08 -6.33 -15.15
N PRO A 315 3.79 -5.40 -14.25
CA PRO A 315 4.28 -5.51 -12.89
C PRO A 315 3.44 -6.44 -12.05
N ASP A 316 4.13 -7.14 -11.13
CA ASP A 316 3.42 -7.98 -10.17
C ASP A 316 2.64 -7.12 -9.18
N GLY A 317 3.25 -6.04 -8.70
CA GLY A 317 2.56 -5.11 -7.84
C GLY A 317 2.96 -3.68 -8.17
N ILE A 318 2.16 -2.74 -7.67
CA ILE A 318 2.42 -1.31 -7.83
C ILE A 318 2.14 -0.62 -6.50
N GLY A 319 2.75 0.54 -6.34
CA GLY A 319 2.55 1.33 -5.14
C GLY A 319 3.08 2.73 -5.33
N TYR A 320 3.00 3.51 -4.26
CA TYR A 320 3.42 4.90 -4.29
C TYR A 320 4.15 5.24 -3.00
N SER A 321 5.33 5.85 -3.14
CA SER A 321 6.08 6.39 -2.01
C SER A 321 6.54 7.78 -2.44
N TYR A 322 5.89 8.81 -1.89
CA TYR A 322 6.06 10.22 -2.27
C TYR A 322 7.51 10.56 -2.57
N PRO A 323 7.79 11.09 -3.77
CA PRO A 323 6.79 11.35 -4.80
C PRO A 323 6.85 10.39 -6.00
N TYR A 324 7.26 9.15 -5.79
CA TYR A 324 7.57 8.24 -6.89
C TYR A 324 6.58 7.08 -6.97
N ILE A 325 6.37 6.61 -8.19
CA ILE A 325 5.63 5.38 -8.46
C ILE A 325 6.58 4.20 -8.37
N LEU A 326 6.13 3.11 -7.78
CA LEU A 326 6.95 1.91 -7.60
C LEU A 326 6.25 0.71 -8.22
N ALA A 327 7.02 -0.08 -8.96
CA ALA A 327 6.52 -1.26 -9.65
C ALA A 327 7.36 -2.47 -9.28
N LEU A 328 6.71 -3.52 -8.81
CA LEU A 328 7.39 -4.75 -8.40
C LEU A 328 7.22 -5.78 -9.51
N GLN A 329 8.34 -6.18 -10.11
CA GLN A 329 8.33 -7.18 -11.17
C GLN A 329 8.17 -8.58 -10.57
N PRO A 330 7.80 -9.57 -11.38
CA PRO A 330 7.56 -10.93 -10.84
C PRO A 330 8.77 -11.46 -10.08
N PRO A 331 8.55 -12.40 -9.16
CA PRO A 331 9.65 -12.86 -8.29
C PRO A 331 10.83 -13.45 -9.04
N ALA A 332 10.61 -14.02 -10.23
CA ALA A 332 11.72 -14.58 -10.98
C ALA A 332 12.70 -13.50 -11.42
N LYS A 333 12.18 -12.33 -11.83
CA LYS A 333 13.06 -11.22 -12.18
C LYS A 333 13.67 -10.59 -10.93
N GLY A 334 12.87 -10.40 -9.88
CA GLY A 334 13.36 -9.86 -8.63
C GLY A 334 13.89 -8.45 -8.72
N CYS A 335 13.07 -7.53 -9.25
CA CYS A 335 13.48 -6.15 -9.42
C CYS A 335 12.35 -5.21 -9.02
N LEU A 336 12.72 -4.00 -8.65
CA LEU A 336 11.79 -2.95 -8.28
C LEU A 336 12.09 -1.71 -9.10
N GLU A 337 11.08 -1.19 -9.79
CA GLU A 337 11.23 -0.01 -10.63
C GLU A 337 10.71 1.22 -9.88
N VAL A 338 11.51 2.29 -9.89
CA VAL A 338 11.11 3.57 -9.32
C VAL A 338 10.93 4.52 -10.50
N ARG A 339 9.69 4.93 -10.75
CA ARG A 339 9.37 5.75 -11.91
C ARG A 339 8.76 7.08 -11.49
N ASN A 340 8.81 8.03 -12.42
CA ASN A 340 8.31 9.38 -12.17
C ASN A 340 6.83 9.43 -12.55
N PRO A 341 5.94 9.83 -11.64
CA PRO A 341 4.53 9.97 -12.03
C PRO A 341 4.29 11.05 -13.07
N ASP A 342 5.27 11.94 -13.28
CA ASP A 342 5.13 13.04 -14.22
C ASP A 342 5.70 12.66 -15.59
N THR A 343 7.00 12.41 -15.66
CA THR A 343 7.65 12.11 -16.93
C THR A 343 7.55 10.64 -17.32
N LEU A 344 7.18 9.76 -16.39
CA LEU A 344 7.06 8.32 -16.58
C LEU A 344 8.39 7.65 -16.89
N SER A 345 9.51 8.34 -16.65
CA SER A 345 10.82 7.76 -16.90
C SER A 345 11.24 6.85 -15.75
N LEU A 346 12.13 5.91 -16.06
CA LEU A 346 12.61 4.94 -15.09
C LEU A 346 13.73 5.59 -14.28
N LEU A 347 13.41 6.02 -13.06
CA LEU A 347 14.43 6.69 -12.24
C LEU A 347 15.42 5.70 -11.65
N GLN A 348 14.94 4.55 -11.18
CA GLN A 348 15.81 3.62 -10.48
C GLN A 348 15.33 2.18 -10.70
N THR A 349 16.28 1.25 -10.64
CA THR A 349 16.02 -0.18 -10.65
C THR A 349 16.80 -0.81 -9.51
N LEU A 350 16.10 -1.57 -8.66
CA LEU A 350 16.70 -2.21 -7.50
C LEU A 350 16.56 -3.72 -7.62
N SER A 351 17.66 -4.44 -7.39
CA SER A 351 17.68 -5.89 -7.48
C SER A 351 17.35 -6.48 -6.12
N LEU A 352 16.16 -7.06 -6.00
CA LEU A 352 15.70 -7.69 -4.76
C LEU A 352 15.33 -9.13 -5.06
N PRO A 353 16.23 -10.09 -4.85
CA PRO A 353 15.96 -11.47 -5.23
C PRO A 353 14.80 -12.07 -4.44
N GLY A 354 13.85 -12.66 -5.15
CA GLY A 354 12.69 -13.29 -4.54
C GLY A 354 11.61 -12.35 -4.09
N ALA A 355 11.80 -11.03 -4.25
CA ALA A 355 10.82 -10.06 -3.79
C ALA A 355 9.44 -10.31 -4.40
N ALA A 356 8.43 -10.44 -3.55
CA ALA A 356 7.09 -10.80 -4.01
C ALA A 356 5.98 -9.83 -3.58
N ALA A 357 6.22 -8.94 -2.63
CA ALA A 357 5.17 -8.02 -2.21
C ALA A 357 5.77 -6.72 -1.72
N LEU A 358 4.99 -5.65 -1.85
CA LEU A 358 5.32 -4.33 -1.34
C LEU A 358 4.44 -4.01 -0.15
N HIS A 359 4.97 -3.19 0.77
CA HIS A 359 4.21 -2.78 1.95
C HIS A 359 4.42 -1.29 2.17
N PHE A 360 3.33 -0.53 2.15
CA PHE A 360 3.33 0.90 2.32
C PHE A 360 2.48 1.28 3.53
N PRO A 361 2.64 2.50 4.07
CA PRO A 361 1.80 2.94 5.19
C PRO A 361 0.31 2.93 4.85
N GLY A 371 7.76 11.62 5.31
CA GLY A 371 8.58 11.23 4.18
C GLY A 371 9.52 10.08 4.49
N LYS A 372 8.96 8.98 4.99
CA LYS A 372 9.72 7.80 5.35
C LYS A 372 9.38 6.65 4.40
N GLY A 373 10.32 5.71 4.29
CA GLY A 373 10.27 4.70 3.26
C GLY A 373 9.27 3.60 3.51
N PHE A 374 9.30 2.62 2.62
CA PHE A 374 8.39 1.48 2.61
C PHE A 374 9.19 0.19 2.82
N HIS A 375 8.52 -0.94 2.61
CA HIS A 375 9.14 -2.25 2.78
C HIS A 375 8.84 -3.14 1.57
N VAL A 376 9.78 -4.03 1.28
CA VAL A 376 9.62 -5.06 0.26
C VAL A 376 9.93 -6.40 0.91
N LEU A 377 9.06 -7.38 0.68
CA LEU A 377 9.19 -8.69 1.30
C LEU A 377 9.31 -9.77 0.23
N SER A 378 10.18 -10.74 0.47
CA SER A 378 10.23 -11.98 -0.28
C SER A 378 9.62 -13.08 0.59
N ASP A 379 9.87 -14.34 0.23
CA ASP A 379 9.45 -15.44 1.08
C ASP A 379 10.40 -15.66 2.25
N ARG A 380 11.57 -15.02 2.24
CA ARG A 380 12.55 -15.18 3.32
C ARG A 380 13.15 -13.88 3.83
N VAL A 381 13.08 -12.77 3.09
CA VAL A 381 13.76 -11.54 3.45
C VAL A 381 12.77 -10.39 3.46
N VAL A 382 12.88 -9.53 4.47
CA VAL A 382 12.14 -8.28 4.53
C VAL A 382 13.15 -7.14 4.46
N TRP A 383 13.13 -6.39 3.37
CA TRP A 383 14.00 -5.23 3.21
C TRP A 383 13.23 -3.96 3.58
N LYS A 384 13.90 -3.03 4.21
CA LYS A 384 13.36 -1.69 4.44
C LYS A 384 13.97 -0.73 3.42
N ASP A 386 14.97 2.80 2.39
CA ASP A 386 15.29 4.11 2.95
C ASP A 386 15.46 5.11 1.82
N ALA A 387 14.65 6.17 1.82
CA ALA A 387 14.70 7.18 0.78
C ALA A 387 15.86 8.13 1.00
N THR A 388 16.67 8.32 -0.04
CA THR A 388 17.74 9.30 0.02
C THR A 388 17.15 10.70 0.08
N ASP A 389 17.87 11.61 0.76
CA ASP A 389 17.39 12.99 0.86
C ASP A 389 17.26 13.60 -0.52
N TYR A 390 16.19 14.38 -0.72
CA TYR A 390 15.83 14.80 -2.06
C TYR A 390 16.83 15.79 -2.65
N ASP A 391 17.53 16.54 -1.81
CA ASP A 391 18.55 17.46 -2.31
C ASP A 391 19.65 16.70 -3.03
N SER A 392 20.13 15.60 -2.45
CA SER A 392 21.15 14.79 -3.11
C SER A 392 20.61 14.15 -4.38
N GLN A 393 19.32 13.82 -4.40
CA GLN A 393 18.72 13.25 -5.61
C GLN A 393 18.75 14.23 -6.76
N VAL A 394 18.34 15.47 -6.50
CA VAL A 394 18.33 16.51 -7.53
C VAL A 394 19.75 16.85 -7.96
N GLU A 395 20.69 16.88 -7.01
CA GLU A 395 22.08 17.12 -7.36
C GLU A 395 22.63 16.00 -8.23
N GLU A 396 22.24 14.75 -7.93
CA GLU A 396 22.68 13.62 -8.75
C GLU A 396 22.12 13.72 -10.16
N LEU A 397 20.85 14.11 -10.29
CA LEU A 397 20.24 14.28 -11.61
C LEU A 397 20.93 15.41 -12.38
N VAL A 398 21.24 16.51 -11.71
CA VAL A 398 21.91 17.63 -12.37
C VAL A 398 23.31 17.21 -12.82
N ARG A 399 24.03 16.47 -11.98
CA ARG A 399 25.36 16.02 -12.34
C ARG A 399 25.33 15.06 -13.54
N GLY A 400 24.25 14.29 -13.68
CA GLY A 400 24.11 13.42 -14.83
C GLY A 400 23.62 14.09 -16.09
N GLY A 401 23.28 15.37 -16.02
CA GLY A 401 22.75 16.07 -17.17
C GLY A 401 21.27 15.88 -17.41
N LYS A 402 20.57 15.19 -16.51
CA LYS A 402 19.13 14.94 -16.64
C LYS A 402 18.37 16.14 -16.09
N LEU A 403 18.45 17.25 -16.84
CA LEU A 403 17.91 18.52 -16.37
C LEU A 403 16.38 18.48 -16.30
N ASP A 404 15.74 18.01 -17.37
CA ASP A 404 14.27 17.96 -17.39
C ASP A 404 13.74 17.12 -16.24
N GLU A 405 14.43 16.03 -15.92
CA GLU A 405 13.98 15.18 -14.82
C GLU A 405 14.14 15.89 -13.48
N ALA A 406 15.24 16.63 -13.30
CA ALA A 406 15.44 17.38 -12.06
C ALA A 406 14.36 18.44 -11.89
N ILE A 407 13.97 19.09 -12.98
CA ILE A 407 12.92 20.11 -12.92
C ILE A 407 11.60 19.47 -12.51
N SER A 408 11.28 18.30 -13.09
CA SER A 408 10.04 17.63 -12.76
C SER A 408 10.03 17.18 -11.31
N VAL A 409 11.13 16.59 -10.84
CA VAL A 409 11.21 16.14 -9.45
C VAL A 409 11.08 17.33 -8.50
N LEU A 410 11.77 18.43 -8.80
CA LEU A 410 11.68 19.62 -7.96
C LEU A 410 10.26 20.17 -7.91
N THR A 411 9.57 20.18 -9.05
CA THR A 411 8.21 20.71 -9.10
C THR A 411 7.26 19.87 -8.25
N LEU A 413 7.95 18.06 -5.50
CA LEU A 413 8.24 18.04 -4.07
C LEU A 413 7.73 19.28 -3.35
N GLU A 414 7.37 19.09 -2.09
CA GLU A 414 7.04 20.22 -1.21
C GLU A 414 8.31 21.00 -0.89
N ASP A 415 8.13 22.30 -0.59
CA ASP A 415 9.29 23.16 -0.38
C ASP A 415 10.00 22.86 0.94
N ALA A 416 9.27 22.40 1.95
CA ALA A 416 9.89 22.11 3.24
C ALA A 416 10.86 20.93 3.18
N LEU A 417 10.77 20.10 2.13
CA LEU A 417 11.65 18.96 2.00
C LEU A 417 12.98 19.30 1.35
N LEU A 418 13.12 20.52 0.83
CA LEU A 418 14.35 20.95 0.17
C LEU A 418 14.95 22.13 0.93
N LYS A 419 16.28 22.27 0.83
CA LYS A 419 16.94 23.40 1.46
C LYS A 419 16.44 24.72 0.90
N ASN A 420 16.26 24.81 -0.42
CA ASN A 420 15.63 25.98 -1.03
C ASN A 420 15.14 25.55 -2.42
N LYS A 421 13.87 25.14 -2.47
CA LYS A 421 13.29 24.65 -3.71
C LYS A 421 13.25 25.73 -4.78
N THR A 422 12.89 26.96 -4.39
CA THR A 422 12.73 28.04 -5.35
C THR A 422 14.03 28.33 -6.10
N GLU A 423 15.11 28.58 -5.35
CA GLU A 423 16.37 28.97 -6.00
C GLU A 423 17.02 27.79 -6.70
N THR A 424 16.90 26.59 -6.14
CA THR A 424 17.40 25.41 -6.84
C THR A 424 16.68 25.21 -8.16
N LEU A 425 15.36 25.38 -8.16
CA LEU A 425 14.59 25.21 -9.40
C LEU A 425 14.98 26.24 -10.44
N ARG A 426 15.05 27.52 -10.04
CA ARG A 426 15.48 28.56 -10.96
C ARG A 426 16.89 28.31 -11.48
N GLU A 427 17.76 27.77 -10.62
CA GLU A 427 19.12 27.46 -11.06
C GLU A 427 19.12 26.39 -12.14
N VAL A 428 18.39 25.29 -11.91
CA VAL A 428 18.36 24.19 -12.87
C VAL A 428 17.77 24.66 -14.19
N LYS A 429 16.77 25.56 -14.13
CA LYS A 429 16.18 26.08 -15.35
C LYS A 429 17.18 26.92 -16.14
N GLN A 431 20.39 26.42 -16.03
CA GLN A 431 21.34 25.46 -16.57
C GLN A 431 20.80 24.84 -17.86
N LYS A 432 19.49 24.65 -17.94
CA LYS A 432 18.87 24.13 -19.15
C LYS A 432 19.08 25.07 -20.33
N ALA A 433 18.81 26.35 -20.13
CA ALA A 433 18.99 27.35 -21.18
C ALA A 433 20.47 27.72 -21.32
#